data_3TJA
#
_entry.id   3TJA
#
_cell.length_a   68.999
_cell.length_b   70.468
_cell.length_c   123.340
_cell.angle_alpha   90.00
_cell.angle_beta   90.00
_cell.angle_gamma   90.00
#
_symmetry.space_group_name_H-M   'P 21 21 21'
#
loop_
_entity.id
_entity.type
_entity.pdbx_description
1 polymer 'Urease accessory protein ureE'
2 non-polymer 'SULFATE ION'
3 non-polymer 'CHLORIDE ION'
4 water water
#
_entity_poly.entity_id   1
_entity_poly.type   'polypeptide(L)'
_entity_poly.pdbx_seq_one_letter_code
;MIIERLVGNLRDLNPLDFSVDYVDLEWFETRKKIARFKTRQGKDIAIRLKDAPKLGLSQGDILFKEEKEIIAVNILDSEV
IHIQAKSVAEVAKICYEIGNRHAALYYGESQFEFKTPFEKPTLALLEKLGVQNRVLSSKLDSKERLTVSMPHSEPNFKVS
LASDFKVVVK
;
_entity_poly.pdbx_strand_id   A,B,C,D
#
loop_
_chem_comp.id
_chem_comp.type
_chem_comp.name
_chem_comp.formula
CL non-polymer 'CHLORIDE ION' 'Cl -1'
SO4 non-polymer 'SULFATE ION' 'O4 S -2'
#
# COMPACT_ATOMS: atom_id res chain seq x y z
N MET A 1 -0.61 24.88 24.56
CA MET A 1 -1.84 25.59 24.18
C MET A 1 -2.69 24.60 23.39
N ILE A 2 -3.99 24.81 23.37
CA ILE A 2 -4.92 23.93 22.69
C ILE A 2 -4.77 24.00 21.20
N ILE A 3 -4.70 22.87 20.51
CA ILE A 3 -4.47 22.95 19.06
C ILE A 3 -5.83 23.21 18.39
N GLU A 4 -5.98 24.35 17.79
CA GLU A 4 -7.27 24.64 17.18
C GLU A 4 -7.30 24.54 15.68
N ARG A 5 -6.14 24.37 15.07
CA ARG A 5 -6.09 24.27 13.61
C ARG A 5 -5.11 23.22 13.12
N LEU A 6 -5.50 22.45 12.10
CA LEU A 6 -4.60 21.54 11.41
C LEU A 6 -3.62 22.31 10.58
N VAL A 7 -2.42 21.80 10.43
CA VAL A 7 -1.39 22.55 9.71
C VAL A 7 -1.02 21.80 8.45
N GLY A 8 -2.02 21.34 7.71
CA GLY A 8 -1.81 20.55 6.49
C GLY A 8 -1.48 19.09 6.76
N ASN A 9 -0.74 18.48 5.84
CA ASN A 9 -0.47 17.05 5.83
C ASN A 9 0.98 16.91 5.44
N LEU A 10 1.62 15.89 6.00
CA LEU A 10 2.99 15.50 5.60
C LEU A 10 3.18 15.37 4.11
N ARG A 11 2.22 14.78 3.43
CA ARG A 11 2.31 14.72 1.93
C ARG A 11 2.80 16.03 1.23
N ASP A 12 2.38 17.17 1.75
CA ASP A 12 2.69 18.52 1.23
C ASP A 12 3.90 19.20 1.90
N LEU A 13 4.51 18.59 2.90
CA LEU A 13 5.62 19.24 3.61
C LEU A 13 6.98 19.15 2.85
N ASN A 14 7.94 19.96 3.29
CA ASN A 14 9.42 19.82 2.99
C ASN A 14 10.26 19.45 4.24
N PRO A 15 10.66 18.16 4.34
CA PRO A 15 11.02 17.51 5.60
C PRO A 15 12.47 17.70 6.03
N LEU A 16 13.29 18.23 5.12
CA LEU A 16 14.75 18.25 5.30
C LEU A 16 15.13 18.72 6.69
N ASP A 17 14.41 19.69 7.21
CA ASP A 17 14.76 20.18 8.51
C ASP A 17 13.66 19.97 9.55
N PHE A 18 12.89 18.90 9.35
CA PHE A 18 11.78 18.50 10.27
C PHE A 18 11.79 17.02 10.77
N SER A 19 12.02 16.87 12.06
CA SER A 19 11.72 15.59 12.76
C SER A 19 10.24 15.46 13.20
N VAL A 20 9.65 14.30 12.92
CA VAL A 20 8.23 14.03 13.12
C VAL A 20 8.01 13.15 14.38
N ASP A 21 7.14 13.61 15.27
CA ASP A 21 6.69 12.81 16.40
C ASP A 21 5.25 12.40 16.01
N TYR A 22 4.83 11.18 16.25
CA TYR A 22 3.49 10.75 15.83
C TYR A 22 2.53 10.71 16.98
N VAL A 23 1.25 11.04 16.70
CA VAL A 23 0.17 10.59 17.59
C VAL A 23 -0.54 9.43 16.92
N ASP A 24 -0.62 8.36 17.66
CA ASP A 24 -1.12 7.05 17.15
C ASP A 24 -2.59 6.95 17.45
N LEU A 25 -3.44 7.12 16.45
CA LEU A 25 -4.87 7.03 16.74
C LEU A 25 -5.51 5.74 16.25
N GLU A 26 -6.51 5.27 16.99
CA GLU A 26 -7.39 4.17 16.52
C GLU A 26 -8.29 4.69 15.44
N TRP A 27 -8.75 3.82 14.54
CA TRP A 27 -9.55 4.28 13.40
C TRP A 27 -10.84 4.93 13.87
N PHE A 28 -11.32 4.51 15.03
CA PHE A 28 -12.57 5.02 15.54
C PHE A 28 -12.45 6.36 16.34
N GLU A 29 -11.22 6.84 16.59
CA GLU A 29 -11.05 8.10 17.28
C GLU A 29 -10.70 9.21 16.31
N THR A 30 -10.94 9.11 15.01
CA THR A 30 -10.43 10.15 14.14
C THR A 30 -11.43 11.32 13.90
N ARG A 31 -12.69 11.13 14.27
CA ARG A 31 -13.76 12.05 13.83
C ARG A 31 -14.05 13.17 14.76
N LYS A 32 -13.64 13.03 16.02
CA LYS A 32 -13.97 14.07 17.00
C LYS A 32 -12.98 15.27 16.92
N LYS A 33 -13.53 16.45 17.10
CA LYS A 33 -12.77 17.71 17.03
C LYS A 33 -12.03 17.99 18.30
N ILE A 34 -12.52 17.40 19.40
CA ILE A 34 -11.99 17.67 20.73
C ILE A 34 -11.46 16.36 21.31
N ALA A 35 -10.20 16.37 21.77
CA ALA A 35 -9.50 15.19 22.23
C ALA A 35 -8.17 15.54 22.88
N ARG A 36 -7.63 14.61 23.63
CA ARG A 36 -6.27 14.74 24.07
C ARG A 36 -5.58 13.46 23.72
N PHE A 37 -4.27 13.60 23.47
CA PHE A 37 -3.41 12.47 23.22
C PHE A 37 -2.04 12.70 23.86
N LYS A 38 -1.28 11.62 23.88
CA LYS A 38 0.11 11.58 24.30
C LYS A 38 0.80 11.05 23.05
N THR A 39 1.79 11.79 22.55
CA THR A 39 2.57 11.37 21.40
C THR A 39 3.43 10.16 21.69
N ARG A 40 3.83 9.53 20.59
CA ARG A 40 4.73 8.40 20.70
C ARG A 40 5.93 8.82 21.54
N GLN A 41 6.41 10.05 21.39
CA GLN A 41 7.49 10.54 22.28
C GLN A 41 7.09 10.98 23.69
N GLY A 42 5.85 10.84 24.09
CA GLY A 42 5.51 11.22 25.48
C GLY A 42 5.04 12.66 25.65
N LYS A 43 4.79 13.40 24.55
CA LYS A 43 4.27 14.78 24.69
C LYS A 43 2.74 14.74 24.85
N ASP A 44 2.21 15.47 25.85
CA ASP A 44 0.77 15.64 25.99
C ASP A 44 0.25 16.75 25.11
N ILE A 45 -0.75 16.44 24.29
CA ILE A 45 -1.38 17.51 23.49
C ILE A 45 -2.91 17.49 23.59
N ALA A 46 -3.56 18.61 23.34
CA ALA A 46 -5.03 18.66 23.36
C ALA A 46 -5.44 19.39 22.09
N ILE A 47 -6.48 18.88 21.42
CA ILE A 47 -7.09 19.59 20.29
C ILE A 47 -8.50 20.05 20.58
N ARG A 48 -8.84 21.16 19.94
CA ARG A 48 -10.20 21.61 19.88
C ARG A 48 -10.33 22.28 18.50
N LEU A 49 -10.56 21.45 17.46
CA LEU A 49 -10.36 21.87 16.06
C LEU A 49 -11.48 22.74 15.54
N LYS A 50 -11.10 23.93 15.08
CA LYS A 50 -12.01 24.84 14.38
C LYS A 50 -12.60 24.29 13.10
N ASP A 51 -11.78 24.08 12.08
CA ASP A 51 -12.37 23.72 10.79
C ASP A 51 -11.83 22.35 10.42
N ALA A 52 -12.29 21.37 11.20
CA ALA A 52 -11.88 19.98 11.09
C ALA A 52 -12.35 19.37 9.76
N PRO A 53 -11.55 18.43 9.18
CA PRO A 53 -12.02 17.74 7.97
C PRO A 53 -13.32 17.05 8.32
N LYS A 54 -14.28 17.13 7.44
CA LYS A 54 -15.58 16.55 7.66
C LYS A 54 -15.46 15.08 8.08
N LEU A 55 -14.70 14.30 7.31
CA LEU A 55 -14.59 12.84 7.50
C LEU A 55 -13.73 12.45 8.72
N GLY A 56 -12.97 13.42 9.24
CA GLY A 56 -12.05 13.22 10.34
C GLY A 56 -10.57 13.29 9.96
N LEU A 57 -9.75 13.09 10.96
CA LEU A 57 -8.32 13.17 10.79
C LEU A 57 -7.86 12.01 9.97
N SER A 58 -6.89 12.29 9.12
CA SER A 58 -6.37 11.28 8.26
C SER A 58 -4.88 11.17 8.47
N GLN A 59 -4.38 10.05 7.95
CA GLN A 59 -3.02 9.67 8.00
C GLN A 59 -2.10 10.82 7.55
N GLY A 60 -1.18 11.23 8.41
CA GLY A 60 -0.24 12.29 8.01
C GLY A 60 -0.73 13.67 8.28
N ASP A 61 -1.89 13.80 8.90
CA ASP A 61 -2.35 15.16 9.14
C ASP A 61 -1.46 15.78 10.22
N ILE A 62 -1.09 17.03 10.03
CA ILE A 62 -0.16 17.69 10.97
C ILE A 62 -0.91 18.48 12.01
N LEU A 63 -0.75 18.12 13.27
CA LEU A 63 -1.40 18.84 14.39
C LEU A 63 -0.55 20.00 14.92
N PHE A 64 0.77 19.94 14.77
CA PHE A 64 1.64 20.92 15.42
C PHE A 64 2.88 21.04 14.60
N LYS A 65 3.39 22.25 14.45
CA LYS A 65 4.57 22.43 13.65
C LYS A 65 5.32 23.66 14.07
N GLU A 66 6.32 23.50 14.94
CA GLU A 66 7.04 24.66 15.48
C GLU A 66 8.44 24.30 15.92
N GLU A 67 9.25 25.34 16.16
CA GLU A 67 10.70 25.21 16.18
C GLU A 67 10.98 24.41 14.90
N LYS A 68 11.58 23.25 14.99
CA LYS A 68 11.56 22.42 13.79
C LYS A 68 10.89 21.04 14.11
N GLU A 69 9.84 21.05 14.96
CA GLU A 69 9.18 19.84 15.45
C GLU A 69 7.78 19.72 14.87
N ILE A 70 7.47 18.54 14.35
CA ILE A 70 6.11 18.25 13.85
C ILE A 70 5.48 17.13 14.63
N ILE A 71 4.18 17.24 14.88
CA ILE A 71 3.44 16.11 15.41
C ILE A 71 2.40 15.86 14.35
N ALA A 72 2.36 14.61 13.88
CA ALA A 72 1.41 14.24 12.80
C ALA A 72 0.69 12.93 13.17
N VAL A 73 -0.50 12.71 12.57
CA VAL A 73 -1.39 11.56 12.85
C VAL A 73 -0.92 10.31 12.13
N ASN A 74 -0.93 9.21 12.86
CA ASN A 74 -0.77 7.88 12.33
C ASN A 74 -1.99 7.11 12.80
N ILE A 75 -2.70 6.49 11.88
CA ILE A 75 -3.87 5.72 12.24
C ILE A 75 -3.40 4.30 12.37
N LEU A 76 -3.59 3.70 13.53
CA LEU A 76 -3.03 2.38 13.77
C LEU A 76 -3.68 1.30 12.88
N ASP A 77 -2.87 0.38 12.34
CA ASP A 77 -3.37 -0.77 11.58
C ASP A 77 -4.31 -1.58 12.47
N SER A 78 -5.43 -2.02 11.92
CA SER A 78 -6.29 -2.84 12.74
C SER A 78 -6.81 -3.99 11.87
N GLU A 79 -7.65 -4.83 12.47
CA GLU A 79 -8.14 -6.01 11.85
C GLU A 79 -9.31 -5.59 10.93
N VAL A 80 -9.21 -5.82 9.63
CA VAL A 80 -10.10 -5.19 8.66
C VAL A 80 -10.59 -6.27 7.70
N ILE A 81 -11.90 -6.26 7.45
CA ILE A 81 -12.44 -7.16 6.41
C ILE A 81 -12.29 -6.50 5.06
N HIS A 82 -11.51 -7.10 4.18
CA HIS A 82 -11.39 -6.64 2.77
C HIS A 82 -12.35 -7.41 1.89
N ILE A 83 -13.13 -6.69 1.12
CA ILE A 83 -14.22 -7.29 0.33
C ILE A 83 -13.89 -7.00 -1.12
N GLN A 84 -13.97 -7.99 -1.98
CA GLN A 84 -13.70 -7.79 -3.41
C GLN A 84 -14.93 -8.10 -4.27
N ALA A 85 -15.68 -7.10 -4.72
CA ALA A 85 -16.91 -7.34 -5.47
C ALA A 85 -16.49 -7.70 -6.88
N LYS A 86 -17.31 -8.49 -7.55
CA LYS A 86 -16.95 -8.93 -8.87
C LYS A 86 -17.90 -8.35 -9.90
N SER A 87 -18.83 -7.52 -9.46
CA SER A 87 -19.84 -6.96 -10.34
C SER A 87 -20.45 -5.76 -9.67
N VAL A 88 -21.10 -4.91 -10.45
CA VAL A 88 -21.77 -3.76 -9.87
C VAL A 88 -22.93 -4.26 -8.98
N ALA A 89 -23.64 -5.29 -9.43
CA ALA A 89 -24.77 -5.80 -8.65
C ALA A 89 -24.18 -6.25 -7.30
N GLU A 90 -22.96 -6.81 -7.27
CA GLU A 90 -22.37 -7.21 -5.98
C GLU A 90 -21.99 -6.03 -5.09
N VAL A 91 -21.44 -4.97 -5.68
CA VAL A 91 -21.26 -3.72 -4.88
C VAL A 91 -22.55 -3.24 -4.19
N ALA A 92 -23.64 -3.18 -4.95
CA ALA A 92 -24.90 -2.70 -4.40
C ALA A 92 -25.35 -3.56 -3.21
N LYS A 93 -25.29 -4.90 -3.36
CA LYS A 93 -25.70 -5.81 -2.30
C LYS A 93 -24.86 -5.67 -1.05
N ILE A 94 -23.55 -5.55 -1.26
CA ILE A 94 -22.58 -5.42 -0.15
C ILE A 94 -22.86 -4.17 0.61
N CYS A 95 -22.90 -3.06 -0.10
CA CYS A 95 -23.04 -1.81 0.56
C CYS A 95 -24.40 -1.66 1.24
N TYR A 96 -25.45 -2.20 0.63
CA TYR A 96 -26.79 -2.18 1.21
C TYR A 96 -26.86 -3.02 2.48
N GLU A 97 -26.23 -4.19 2.48
CA GLU A 97 -26.28 -5.02 3.65
C GLU A 97 -25.49 -4.48 4.81
N ILE A 98 -24.28 -4.01 4.52
CA ILE A 98 -23.49 -3.36 5.55
C ILE A 98 -24.22 -2.11 6.08
N GLY A 99 -24.81 -1.33 5.17
CA GLY A 99 -25.59 -0.14 5.59
C GLY A 99 -26.69 -0.55 6.57
N ASN A 100 -27.39 -1.65 6.26
CA ASN A 100 -28.49 -2.17 7.08
C ASN A 100 -28.10 -2.50 8.52
N ARG A 101 -26.85 -2.93 8.68
CA ARG A 101 -26.28 -3.21 9.99
C ARG A 101 -25.64 -1.98 10.63
N HIS A 102 -25.60 -0.86 9.90
CA HIS A 102 -25.00 0.37 10.33
C HIS A 102 -23.52 0.19 10.56
N ALA A 103 -22.86 -0.73 9.85
CA ALA A 103 -21.43 -0.90 10.13
C ALA A 103 -20.65 0.14 9.34
N ALA A 104 -19.45 0.49 9.81
CA ALA A 104 -18.60 1.48 9.13
C ALA A 104 -18.20 0.91 7.75
N LEU A 105 -18.12 1.72 6.72
CA LEU A 105 -17.68 1.21 5.40
C LEU A 105 -16.70 2.18 4.73
N TYR A 106 -15.66 1.65 4.07
CA TYR A 106 -14.59 2.48 3.47
C TYR A 106 -14.41 2.03 2.02
N TYR A 107 -14.21 2.99 1.12
CA TYR A 107 -13.70 2.71 -0.22
C TYR A 107 -12.36 2.01 -0.16
N GLY A 108 -12.16 0.97 -0.97
CA GLY A 108 -10.89 0.23 -1.07
C GLY A 108 -9.98 0.89 -2.10
N GLU A 109 -9.01 0.15 -2.63
CA GLU A 109 -8.05 0.73 -3.54
C GLU A 109 -8.60 0.83 -4.98
N SER A 110 -9.59 0.00 -5.34
CA SER A 110 -10.21 0.01 -6.69
C SER A 110 -11.73 0.27 -6.56
N GLN A 111 -12.45 0.54 -7.64
CA GLN A 111 -13.91 0.78 -7.52
C GLN A 111 -14.68 -0.44 -7.04
N PHE A 112 -14.10 -1.62 -7.14
CA PHE A 112 -14.82 -2.82 -6.66
C PHE A 112 -14.39 -3.38 -5.31
N GLU A 113 -13.48 -2.70 -4.61
CA GLU A 113 -12.97 -3.19 -3.32
C GLU A 113 -13.42 -2.29 -2.20
N PHE A 114 -13.72 -2.86 -1.02
CA PHE A 114 -14.31 -2.12 0.07
C PHE A 114 -13.74 -2.73 1.36
N LYS A 115 -13.70 -1.92 2.40
CA LYS A 115 -13.15 -2.33 3.72
C LYS A 115 -14.14 -1.99 4.83
N THR A 116 -14.14 -2.79 5.89
CA THR A 116 -14.97 -2.58 7.03
C THR A 116 -14.22 -3.15 8.25
N PRO A 117 -14.33 -2.51 9.44
CA PRO A 117 -13.66 -3.08 10.55
C PRO A 117 -14.20 -4.49 10.80
N PHE A 118 -13.31 -5.35 11.31
CA PHE A 118 -13.70 -6.71 11.51
C PHE A 118 -14.67 -6.75 12.69
N GLU A 119 -15.83 -7.36 12.48
CA GLU A 119 -16.71 -7.77 13.57
C GLU A 119 -17.24 -9.10 13.08
N LYS A 120 -17.34 -10.05 13.99
CA LYS A 120 -17.95 -11.32 13.67
C LYS A 120 -19.26 -11.33 12.89
N PRO A 121 -20.29 -10.52 13.32
CA PRO A 121 -21.55 -10.28 12.59
C PRO A 121 -21.38 -9.85 11.09
N THR A 122 -20.49 -8.91 10.86
CA THR A 122 -20.25 -8.45 9.52
C THR A 122 -19.56 -9.49 8.71
N LEU A 123 -18.62 -10.22 9.30
CA LEU A 123 -17.97 -11.27 8.54
C LEU A 123 -18.99 -12.37 8.21
N ALA A 124 -19.84 -12.75 9.18
CA ALA A 124 -20.81 -13.83 8.91
C ALA A 124 -21.73 -13.45 7.78
N LEU A 125 -22.10 -12.18 7.80
CA LEU A 125 -23.00 -11.65 6.81
C LEU A 125 -22.38 -11.67 5.41
N LEU A 126 -21.12 -11.26 5.30
CA LEU A 126 -20.44 -11.31 3.99
C LEU A 126 -20.21 -12.70 3.50
N GLU A 127 -19.90 -13.64 4.39
CA GLU A 127 -19.73 -15.03 3.95
C GLU A 127 -21.03 -15.61 3.36
N LYS A 128 -22.16 -15.24 3.96
CA LYS A 128 -23.47 -15.72 3.49
C LYS A 128 -23.87 -15.08 2.15
N LEU A 129 -23.49 -13.84 1.95
CA LEU A 129 -23.69 -13.18 0.64
C LEU A 129 -22.94 -13.80 -0.54
N GLY A 130 -21.94 -14.59 -0.21
CA GLY A 130 -21.18 -15.30 -1.18
C GLY A 130 -20.15 -14.39 -1.85
N VAL A 131 -19.68 -13.35 -1.17
CA VAL A 131 -18.74 -12.42 -1.84
C VAL A 131 -17.29 -12.72 -1.37
N GLN A 132 -16.29 -12.60 -2.27
CA GLN A 132 -14.88 -12.79 -1.89
C GLN A 132 -14.48 -11.82 -0.78
N ASN A 133 -13.90 -12.37 0.28
CA ASN A 133 -13.57 -11.61 1.46
C ASN A 133 -12.37 -12.17 2.19
N ARG A 134 -11.63 -11.30 2.83
CA ARG A 134 -10.59 -11.77 3.72
C ARG A 134 -10.20 -10.75 4.74
N VAL A 135 -9.75 -11.21 5.89
CA VAL A 135 -9.34 -10.30 6.95
C VAL A 135 -7.82 -10.07 6.96
N LEU A 136 -7.34 -8.81 7.04
CA LEU A 136 -5.92 -8.49 7.03
C LEU A 136 -5.70 -7.42 8.09
N SER A 137 -4.46 -7.13 8.50
CA SER A 137 -4.20 -5.90 9.28
C SER A 137 -4.01 -4.74 8.34
N SER A 138 -4.84 -3.69 8.44
CA SER A 138 -4.73 -2.53 7.50
C SER A 138 -5.22 -1.28 8.21
N LYS A 139 -5.02 -0.15 7.56
CA LYS A 139 -5.45 1.15 8.13
C LYS A 139 -6.81 1.54 7.58
N LEU A 140 -7.72 2.00 8.44
CA LEU A 140 -8.95 2.57 7.93
C LEU A 140 -8.81 4.10 7.90
N ASP A 141 -8.38 4.62 6.76
CA ASP A 141 -8.13 6.05 6.61
C ASP A 141 -9.44 6.79 6.43
N SER A 142 -9.68 7.76 7.31
CA SER A 142 -10.91 8.53 7.38
C SER A 142 -11.37 9.07 6.03
N LYS A 143 -10.44 9.45 5.16
CA LYS A 143 -10.88 10.03 3.92
C LYS A 143 -11.53 9.04 2.95
N GLU A 144 -11.39 7.75 3.19
CA GLU A 144 -12.06 6.71 2.37
C GLU A 144 -13.40 6.33 2.94
N ARG A 145 -13.75 6.85 4.11
CA ARG A 145 -14.99 6.49 4.75
C ARG A 145 -16.25 6.89 3.95
N LEU A 146 -17.28 6.03 3.93
CA LEU A 146 -18.56 6.40 3.38
C LEU A 146 -19.41 6.91 4.56
N THR A 147 -20.20 7.96 4.36
CA THR A 147 -20.98 8.57 5.47
C THR A 147 -22.50 8.34 5.45
N VAL A 148 -23.19 8.59 6.56
CA VAL A 148 -24.70 8.62 6.57
C VAL A 148 -25.26 10.04 6.66
N SER A 149 -26.59 10.16 6.73
CA SER A 149 -27.21 11.47 6.63
C SER A 149 -28.69 11.45 7.00
N MET B 1 -60.02 -23.49 -4.18
CA MET B 1 -58.94 -24.47 -4.39
C MET B 1 -57.76 -23.96 -3.64
N ILE B 2 -57.03 -24.86 -2.95
CA ILE B 2 -55.82 -24.43 -2.19
C ILE B 2 -54.59 -25.09 -2.76
N ILE B 3 -53.63 -24.25 -3.18
CA ILE B 3 -52.42 -24.68 -3.87
C ILE B 3 -51.30 -24.76 -2.85
N GLU B 4 -50.51 -25.81 -2.94
CA GLU B 4 -49.46 -26.06 -1.96
C GLU B 4 -48.07 -25.98 -2.54
N ARG B 5 -47.96 -25.99 -3.87
CA ARG B 5 -46.69 -25.98 -4.59
C ARG B 5 -46.71 -25.13 -5.82
N LEU B 6 -45.68 -24.30 -5.96
CA LEU B 6 -45.57 -23.55 -7.21
C LEU B 6 -45.11 -24.48 -8.31
N VAL B 7 -45.46 -24.12 -9.56
CA VAL B 7 -45.10 -24.91 -10.75
C VAL B 7 -44.16 -24.14 -11.68
N GLY B 8 -43.23 -23.39 -11.15
CA GLY B 8 -42.30 -22.66 -12.02
C GLY B 8 -42.83 -21.27 -12.39
N ASN B 9 -42.52 -20.84 -13.59
CA ASN B 9 -42.73 -19.44 -13.91
C ASN B 9 -43.01 -19.39 -15.39
N LEU B 10 -43.87 -18.47 -15.76
CA LEU B 10 -44.22 -18.26 -17.15
C LEU B 10 -42.99 -18.14 -18.10
N ARG B 11 -41.86 -17.59 -17.63
CA ARG B 11 -40.69 -17.50 -18.54
C ARG B 11 -40.14 -18.84 -19.00
N ASP B 12 -40.52 -19.91 -18.32
CA ASP B 12 -40.09 -21.27 -18.67
C ASP B 12 -40.92 -21.86 -19.82
N LEU B 13 -41.95 -21.15 -20.27
CA LEU B 13 -42.84 -21.73 -21.32
C LEU B 13 -43.31 -20.68 -22.30
N ASN B 14 -44.10 -21.10 -23.31
CA ASN B 14 -44.66 -20.13 -24.20
C ASN B 14 -46.07 -19.82 -23.74
N PRO B 15 -46.27 -18.64 -23.14
CA PRO B 15 -47.61 -18.35 -22.52
C PRO B 15 -48.78 -18.37 -23.55
N LEU B 16 -48.49 -18.05 -24.81
CA LEU B 16 -49.53 -18.08 -25.82
C LEU B 16 -50.08 -19.51 -26.04
N ASP B 17 -49.42 -20.52 -25.45
CA ASP B 17 -49.92 -21.89 -25.62
C ASP B 17 -51.02 -22.18 -24.59
N PHE B 18 -51.32 -21.17 -23.76
CA PHE B 18 -52.11 -21.33 -22.52
C PHE B 18 -53.10 -20.17 -22.28
N SER B 19 -54.22 -20.45 -21.59
CA SER B 19 -55.03 -19.33 -21.04
C SER B 19 -54.50 -19.00 -19.64
N VAL B 20 -54.00 -17.77 -19.46
CA VAL B 20 -53.39 -17.32 -18.23
C VAL B 20 -54.34 -16.44 -17.40
N ASP B 21 -54.74 -16.90 -16.24
CA ASP B 21 -55.59 -16.12 -15.34
C ASP B 21 -54.56 -15.57 -14.33
N TYR B 22 -54.70 -14.33 -13.87
CA TYR B 22 -53.78 -13.80 -12.83
C TYR B 22 -54.38 -13.67 -11.45
N VAL B 23 -53.53 -13.81 -10.41
CA VAL B 23 -53.92 -13.31 -9.10
C VAL B 23 -53.06 -12.05 -8.91
N ASP B 24 -53.68 -11.00 -8.41
CA ASP B 24 -52.97 -9.72 -8.20
C ASP B 24 -52.48 -9.66 -6.76
N LEU B 25 -51.19 -9.38 -6.59
CA LEU B 25 -50.51 -9.25 -5.29
C LEU B 25 -49.92 -7.87 -5.18
N GLU B 26 -50.01 -7.27 -3.99
CA GLU B 26 -49.20 -6.08 -3.73
C GLU B 26 -47.77 -6.51 -3.51
N TRP B 27 -46.81 -5.62 -3.80
CA TRP B 27 -45.40 -5.97 -3.72
C TRP B 27 -45.07 -6.34 -2.28
N PHE B 28 -45.80 -5.74 -1.34
CA PHE B 28 -45.45 -5.97 0.06
C PHE B 28 -46.17 -7.24 0.66
N GLU B 29 -46.92 -7.97 -0.15
CA GLU B 29 -47.59 -9.21 0.26
C GLU B 29 -46.86 -10.46 -0.32
N THR B 30 -45.78 -10.28 -1.07
CA THR B 30 -45.22 -11.38 -1.86
C THR B 30 -44.53 -12.43 -1.00
N ARG B 31 -44.30 -12.10 0.27
CA ARG B 31 -43.59 -13.00 1.14
C ARG B 31 -44.55 -13.85 1.97
N LYS B 32 -45.84 -13.58 1.85
CA LYS B 32 -46.88 -14.46 2.42
C LYS B 32 -46.92 -15.90 1.85
N LYS B 33 -47.06 -16.85 2.74
CA LYS B 33 -47.07 -18.26 2.36
C LYS B 33 -48.51 -18.82 2.37
N ILE B 34 -49.35 -18.19 3.21
CA ILE B 34 -50.74 -18.58 3.45
C ILE B 34 -51.52 -17.33 3.14
N ALA B 35 -52.38 -17.40 2.12
CA ALA B 35 -53.25 -16.30 1.71
C ALA B 35 -54.37 -16.83 0.78
N ARG B 36 -55.39 -16.01 0.53
CA ARG B 36 -56.50 -16.35 -0.37
C ARG B 36 -56.77 -15.20 -1.30
N PHE B 37 -57.09 -15.57 -2.55
CA PHE B 37 -57.35 -14.66 -3.64
C PHE B 37 -58.60 -14.99 -4.48
N LYS B 38 -58.99 -13.99 -5.25
CA LYS B 38 -59.95 -14.20 -6.34
C LYS B 38 -59.17 -13.84 -7.58
N THR B 39 -59.10 -14.74 -8.57
CA THR B 39 -58.33 -14.45 -9.79
C THR B 39 -59.10 -13.37 -10.57
N ARG B 40 -58.49 -12.76 -11.59
CA ARG B 40 -59.18 -11.75 -12.40
C ARG B 40 -60.36 -12.36 -13.12
N GLN B 41 -60.31 -13.65 -13.35
CA GLN B 41 -61.52 -14.36 -13.81
C GLN B 41 -62.45 -14.90 -12.72
N GLY B 42 -62.27 -14.51 -11.48
CA GLY B 42 -63.29 -14.84 -10.45
C GLY B 42 -63.15 -16.24 -9.88
N LYS B 43 -62.02 -16.90 -10.11
CA LYS B 43 -61.83 -18.18 -9.43
C LYS B 43 -61.36 -17.98 -7.95
N ASP B 44 -61.91 -18.79 -7.06
CA ASP B 44 -61.42 -18.85 -5.71
C ASP B 44 -60.11 -19.63 -5.67
N ILE B 45 -59.04 -19.00 -5.22
CA ILE B 45 -57.74 -19.65 -5.09
C ILE B 45 -56.95 -19.25 -3.87
N ALA B 46 -56.50 -20.23 -3.11
CA ALA B 46 -55.72 -19.95 -1.93
C ALA B 46 -54.33 -20.61 -2.05
N ILE B 47 -53.36 -20.04 -1.31
CA ILE B 47 -52.04 -20.62 -1.21
C ILE B 47 -51.75 -20.96 0.25
N ARG B 48 -51.06 -22.10 0.45
CA ARG B 48 -50.54 -22.54 1.71
C ARG B 48 -49.28 -23.25 1.29
N LEU B 49 -48.25 -22.48 1.02
CA LEU B 49 -47.08 -22.98 0.31
C LEU B 49 -46.14 -23.62 1.30
N LYS B 50 -45.66 -24.81 0.94
CA LYS B 50 -44.79 -25.56 1.83
C LYS B 50 -43.38 -24.91 1.83
N ASP B 51 -42.89 -24.58 0.63
CA ASP B 51 -41.60 -23.91 0.51
C ASP B 51 -41.61 -22.85 -0.60
N ALA B 52 -41.87 -21.62 -0.23
CA ALA B 52 -41.94 -20.55 -1.20
C ALA B 52 -40.52 -20.07 -1.55
N PRO B 53 -40.39 -19.35 -2.67
CA PRO B 53 -39.08 -18.81 -2.95
C PRO B 53 -38.76 -17.73 -1.92
N LYS B 54 -37.54 -17.79 -1.40
CA LYS B 54 -37.11 -16.94 -0.29
C LYS B 54 -37.20 -15.45 -0.61
N LEU B 55 -37.03 -15.07 -1.89
CA LEU B 55 -37.25 -13.67 -2.30
C LEU B 55 -38.72 -13.26 -2.23
N GLY B 56 -39.62 -14.25 -2.21
CA GLY B 56 -41.03 -14.03 -2.28
C GLY B 56 -41.59 -14.39 -3.68
N LEU B 57 -42.89 -14.39 -3.82
CA LEU B 57 -43.50 -14.60 -5.12
C LEU B 57 -43.11 -13.51 -6.15
N SER B 58 -42.65 -13.94 -7.31
CA SER B 58 -42.31 -13.05 -8.42
C SER B 58 -43.40 -13.03 -9.50
N GLN B 59 -43.33 -12.01 -10.36
CA GLN B 59 -44.13 -11.85 -11.55
C GLN B 59 -44.09 -13.12 -12.38
N GLY B 60 -45.28 -13.64 -12.75
CA GLY B 60 -45.29 -14.85 -13.59
C GLY B 60 -45.12 -16.17 -12.82
N ASP B 61 -44.94 -16.15 -11.51
CA ASP B 61 -44.86 -17.44 -10.78
C ASP B 61 -46.16 -18.17 -10.91
N ILE B 62 -46.09 -19.48 -11.20
CA ILE B 62 -47.30 -20.24 -11.55
C ILE B 62 -47.84 -21.00 -10.34
N LEU B 63 -49.08 -20.67 -9.95
CA LEU B 63 -49.73 -21.31 -8.82
C LEU B 63 -50.40 -22.56 -9.26
N PHE B 64 -50.84 -22.57 -10.51
CA PHE B 64 -51.65 -23.69 -10.98
C PHE B 64 -51.43 -23.83 -12.48
N LYS B 65 -51.28 -25.08 -12.93
CA LYS B 65 -51.14 -25.38 -14.34
C LYS B 65 -51.79 -26.71 -14.66
N GLU B 66 -52.92 -26.69 -15.35
CA GLU B 66 -53.52 -27.94 -15.85
C GLU B 66 -53.97 -27.77 -17.31
N GLU B 67 -53.63 -28.74 -18.16
CA GLU B 67 -53.84 -28.66 -19.60
C GLU B 67 -53.43 -27.27 -20.09
N LYS B 68 -54.30 -26.54 -20.78
CA LYS B 68 -53.93 -25.22 -21.30
C LYS B 68 -54.35 -24.00 -20.42
N GLU B 69 -54.57 -24.20 -19.11
CA GLU B 69 -54.92 -23.11 -18.19
C GLU B 69 -53.86 -22.93 -17.11
N ILE B 70 -53.48 -21.68 -16.89
CA ILE B 70 -52.49 -21.29 -15.91
C ILE B 70 -53.14 -20.26 -15.02
N ILE B 71 -52.87 -20.38 -13.73
CA ILE B 71 -53.03 -19.28 -12.80
C ILE B 71 -51.65 -18.81 -12.34
N ALA B 72 -51.37 -17.54 -12.59
CA ALA B 72 -50.03 -17.03 -12.34
C ALA B 72 -50.09 -15.74 -11.50
N VAL B 73 -48.98 -15.35 -10.92
CA VAL B 73 -48.91 -14.18 -10.05
C VAL B 73 -48.62 -12.93 -10.87
N ASN B 74 -49.41 -11.89 -10.65
CA ASN B 74 -49.08 -10.56 -11.10
C ASN B 74 -48.85 -9.64 -9.91
N ILE B 75 -47.75 -8.93 -9.93
CA ILE B 75 -47.53 -7.99 -8.87
C ILE B 75 -48.04 -6.64 -9.33
N LEU B 76 -48.90 -6.03 -8.48
CA LEU B 76 -49.51 -4.71 -8.81
C LEU B 76 -48.52 -3.56 -8.87
N ASP B 77 -48.74 -2.64 -9.79
CA ASP B 77 -47.97 -1.42 -9.82
C ASP B 77 -48.11 -0.65 -8.49
N SER B 78 -47.05 0.07 -8.12
CA SER B 78 -47.05 0.94 -6.92
C SER B 78 -46.22 2.17 -7.25
N GLU B 79 -46.32 3.18 -6.40
CA GLU B 79 -45.54 4.35 -6.55
C GLU B 79 -44.12 4.07 -6.18
N VAL B 80 -43.24 4.35 -7.13
CA VAL B 80 -41.89 3.87 -7.04
C VAL B 80 -40.87 4.96 -7.31
N ILE B 81 -39.78 4.99 -6.54
CA ILE B 81 -38.73 5.92 -6.88
C ILE B 81 -37.71 5.17 -7.68
N HIS B 82 -37.47 5.66 -8.87
CA HIS B 82 -36.46 5.05 -9.71
C HIS B 82 -35.13 5.80 -9.57
N ILE B 83 -34.03 5.08 -9.45
CA ILE B 83 -32.75 5.70 -9.19
C ILE B 83 -31.78 5.40 -10.35
N GLN B 84 -31.16 6.45 -10.87
CA GLN B 84 -30.12 6.36 -11.90
C GLN B 84 -28.73 6.82 -11.32
N ALA B 85 -27.87 5.84 -11.01
CA ALA B 85 -26.57 6.14 -10.47
C ALA B 85 -25.65 6.37 -11.69
N LYS B 86 -24.56 7.11 -11.50
CA LYS B 86 -23.68 7.50 -12.63
C LYS B 86 -22.25 6.90 -12.56
N SER B 87 -21.98 6.12 -11.51
CA SER B 87 -20.65 5.56 -11.25
C SER B 87 -20.77 4.47 -10.26
N VAL B 88 -19.79 3.59 -10.25
CA VAL B 88 -19.77 2.52 -9.26
C VAL B 88 -19.72 3.08 -7.82
N ALA B 89 -18.94 4.13 -7.59
CA ALA B 89 -18.83 4.73 -6.26
C ALA B 89 -20.17 5.30 -5.82
N GLU B 90 -20.93 5.84 -6.76
CA GLU B 90 -22.25 6.35 -6.46
C GLU B 90 -23.22 5.23 -6.08
N VAL B 91 -23.12 4.12 -6.82
CA VAL B 91 -23.94 2.98 -6.53
C VAL B 91 -23.68 2.64 -5.04
N ALA B 92 -22.43 2.67 -4.64
CA ALA B 92 -22.08 2.24 -3.25
C ALA B 92 -22.69 3.17 -2.22
N LYS B 93 -22.46 4.46 -2.39
CA LYS B 93 -23.06 5.50 -1.55
C LYS B 93 -24.58 5.37 -1.45
N ILE B 94 -25.24 5.27 -2.58
CA ILE B 94 -26.70 5.13 -2.55
C ILE B 94 -27.20 3.90 -1.75
N CYS B 95 -26.62 2.73 -2.02
CA CYS B 95 -27.08 1.50 -1.40
C CYS B 95 -26.78 1.49 0.08
N TYR B 96 -25.62 2.04 0.41
CA TYR B 96 -25.25 2.18 1.81
C TYR B 96 -26.21 3.14 2.53
N GLU B 97 -26.49 4.30 1.96
CA GLU B 97 -27.43 5.20 2.64
C GLU B 97 -28.86 4.64 2.74
N ILE B 98 -29.32 4.03 1.67
CA ILE B 98 -30.63 3.39 1.72
C ILE B 98 -30.72 2.21 2.68
N GLY B 99 -29.69 1.35 2.73
CA GLY B 99 -29.59 0.30 3.79
C GLY B 99 -29.61 0.89 5.20
N ASN B 100 -28.87 1.98 5.41
CA ASN B 100 -28.89 2.63 6.73
C ASN B 100 -30.29 3.04 7.16
N ARG B 101 -31.14 3.40 6.19
CA ARG B 101 -32.54 3.80 6.49
C ARG B 101 -33.45 2.58 6.58
N HIS B 102 -32.91 1.43 6.21
CA HIS B 102 -33.64 0.18 6.16
C HIS B 102 -34.83 0.21 5.20
N ALA B 103 -34.71 0.93 4.09
CA ALA B 103 -35.75 0.98 3.11
C ALA B 103 -35.55 -0.19 2.15
N ALA B 104 -36.65 -0.72 1.58
CA ALA B 104 -36.53 -1.80 0.61
C ALA B 104 -35.77 -1.32 -0.64
N LEU B 105 -34.94 -2.18 -1.23
CA LEU B 105 -34.27 -1.80 -2.49
C LEU B 105 -34.32 -2.93 -3.48
N TYR B 106 -34.52 -2.59 -4.75
CA TYR B 106 -34.62 -3.57 -5.82
C TYR B 106 -33.66 -3.15 -6.97
N TYR B 107 -33.02 -4.09 -7.64
CA TYR B 107 -32.36 -3.84 -8.91
C TYR B 107 -33.29 -3.32 -10.00
N GLY B 108 -32.76 -2.47 -10.89
CA GLY B 108 -33.56 -1.84 -11.96
C GLY B 108 -33.26 -2.65 -13.19
N GLU B 109 -33.59 -2.11 -14.37
CA GLU B 109 -33.33 -2.80 -15.61
C GLU B 109 -31.86 -2.79 -16.00
N SER B 110 -31.07 -1.85 -15.49
CA SER B 110 -29.66 -1.81 -15.84
C SER B 110 -28.81 -1.84 -14.57
N GLN B 111 -27.50 -2.03 -14.68
CA GLN B 111 -26.69 -2.27 -13.49
C GLN B 111 -26.46 -0.98 -12.70
N PHE B 112 -26.72 0.15 -13.33
CA PHE B 112 -26.67 1.39 -12.61
C PHE B 112 -28.06 1.93 -12.10
N GLU B 113 -29.12 1.14 -12.29
CA GLU B 113 -30.52 1.54 -11.95
C GLU B 113 -31.12 0.73 -10.82
N PHE B 114 -31.83 1.43 -9.93
CA PHE B 114 -32.49 0.80 -8.80
C PHE B 114 -33.87 1.38 -8.60
N LYS B 115 -34.67 0.68 -7.78
CA LYS B 115 -36.04 1.06 -7.49
C LYS B 115 -36.26 0.88 -6.03
N THR B 116 -37.05 1.79 -5.47
CA THR B 116 -37.41 1.75 -4.07
C THR B 116 -38.83 2.28 -3.87
N PRO B 117 -39.62 1.74 -2.89
CA PRO B 117 -40.93 2.30 -2.70
C PRO B 117 -40.91 3.81 -2.45
N PHE B 118 -41.94 4.49 -2.91
CA PHE B 118 -41.98 5.91 -2.69
C PHE B 118 -42.17 6.14 -1.19
N GLU B 119 -41.24 6.88 -0.59
CA GLU B 119 -41.39 7.38 0.77
C GLU B 119 -40.75 8.78 0.78
N LYS B 120 -41.45 9.77 1.33
CA LYS B 120 -40.92 11.15 1.46
C LYS B 120 -39.45 11.21 1.89
N PRO B 121 -39.05 10.60 3.07
CA PRO B 121 -37.61 10.73 3.49
C PRO B 121 -36.62 10.14 2.47
N THR B 122 -36.96 8.99 1.89
CA THR B 122 -36.16 8.42 0.78
C THR B 122 -35.94 9.42 -0.35
N LEU B 123 -37.03 10.06 -0.77
CA LEU B 123 -36.96 11.11 -1.78
C LEU B 123 -36.04 12.20 -1.32
N ALA B 124 -36.28 12.68 -0.09
CA ALA B 124 -35.46 13.73 0.45
C ALA B 124 -33.99 13.34 0.44
N LEU B 125 -33.69 12.09 0.79
CA LEU B 125 -32.31 11.65 0.92
C LEU B 125 -31.58 11.72 -0.44
N LEU B 126 -32.25 11.21 -1.46
CA LEU B 126 -31.68 11.14 -2.77
C LEU B 126 -31.46 12.52 -3.35
N GLU B 127 -32.44 13.41 -3.14
CA GLU B 127 -32.38 14.80 -3.55
C GLU B 127 -31.21 15.45 -2.85
N LYS B 128 -31.07 15.12 -1.57
CA LYS B 128 -29.96 15.61 -0.76
C LYS B 128 -28.61 15.14 -1.33
N LEU B 129 -28.54 13.90 -1.78
CA LEU B 129 -27.30 13.37 -2.32
C LEU B 129 -27.04 13.87 -3.73
N GLY B 130 -28.08 14.40 -4.36
CA GLY B 130 -27.98 14.92 -5.71
C GLY B 130 -27.98 13.77 -6.69
N VAL B 131 -28.74 12.73 -6.36
CA VAL B 131 -28.92 11.59 -7.22
C VAL B 131 -30.15 11.73 -8.16
N GLN B 132 -29.94 11.44 -9.44
CA GLN B 132 -30.99 11.47 -10.42
C GLN B 132 -32.06 10.43 -10.10
N ASN B 133 -33.30 10.89 -10.02
CA ASN B 133 -34.40 9.99 -9.65
C ASN B 133 -35.70 10.47 -10.29
N ARG B 134 -36.68 9.58 -10.34
CA ARG B 134 -37.93 9.78 -11.06
C ARG B 134 -38.94 9.12 -10.18
N VAL B 135 -40.12 9.71 -10.12
CA VAL B 135 -41.20 9.01 -9.46
C VAL B 135 -42.19 8.52 -10.53
N LEU B 136 -42.51 7.23 -10.50
CA LEU B 136 -43.47 6.61 -11.41
C LEU B 136 -44.24 5.46 -10.80
N SER B 137 -45.29 5.00 -11.50
CA SER B 137 -45.98 3.78 -11.13
C SER B 137 -45.28 2.62 -11.84
N SER B 138 -44.81 1.64 -11.06
CA SER B 138 -43.92 0.58 -11.60
C SER B 138 -44.09 -0.67 -10.72
N LYS B 139 -43.53 -1.80 -11.15
CA LYS B 139 -43.57 -3.03 -10.37
C LYS B 139 -42.31 -3.27 -9.54
N LEU B 140 -42.50 -3.66 -8.30
CA LEU B 140 -41.37 -4.09 -7.45
C LEU B 140 -41.34 -5.62 -7.38
N ASP B 141 -40.59 -6.21 -8.32
CA ASP B 141 -40.66 -7.64 -8.59
C ASP B 141 -39.76 -8.35 -7.56
N SER B 142 -40.29 -9.33 -6.84
CA SER B 142 -39.53 -9.94 -5.74
C SER B 142 -38.13 -10.43 -6.12
N LYS B 143 -37.97 -10.89 -7.36
CA LYS B 143 -36.73 -11.53 -7.71
C LYS B 143 -35.62 -10.49 -7.93
N GLU B 144 -36.01 -9.20 -7.89
CA GLU B 144 -35.07 -8.10 -8.04
C GLU B 144 -34.70 -7.52 -6.65
N ARG B 145 -35.37 -7.99 -5.62
CA ARG B 145 -35.14 -7.40 -4.31
C ARG B 145 -33.70 -7.66 -3.82
N LEU B 146 -33.05 -6.65 -3.24
CA LEU B 146 -31.84 -6.85 -2.47
C LEU B 146 -32.23 -7.36 -1.07
N THR B 147 -31.67 -8.50 -0.73
CA THR B 147 -31.99 -9.14 0.54
C THR B 147 -31.61 -8.29 1.77
N VAL B 148 -32.55 -8.20 2.74
CA VAL B 148 -32.29 -7.77 4.14
C VAL B 148 -31.24 -8.60 4.87
N SER B 149 -31.17 -9.91 4.61
CA SER B 149 -30.09 -10.72 5.21
C SER B 149 -29.73 -12.03 4.48
N MET B 150 -29.94 -12.10 3.16
CA MET B 150 -29.84 -13.41 2.46
C MET B 150 -29.08 -13.38 1.12
N MET C 1 2.41 -16.47 31.54
CA MET C 1 3.60 -17.19 31.07
C MET C 1 4.50 -16.26 30.27
N ILE C 2 5.74 -16.67 30.09
CA ILE C 2 6.70 -15.84 29.40
C ILE C 2 6.69 -16.37 27.98
N ILE C 3 6.67 -15.47 27.01
CA ILE C 3 6.63 -15.91 25.65
C ILE C 3 8.06 -16.20 25.11
N GLU C 4 8.23 -17.41 24.59
CA GLU C 4 9.51 -17.93 24.14
C GLU C 4 9.61 -18.18 22.65
N ARG C 5 8.45 -18.46 22.04
CA ARG C 5 8.31 -18.86 20.62
C ARG C 5 7.22 -18.09 19.88
N LEU C 6 7.50 -17.74 18.63
CA LEU C 6 6.49 -17.23 17.68
C LEU C 6 5.66 -18.38 17.21
N VAL C 7 4.39 -18.11 17.01
CA VAL C 7 3.38 -19.11 16.66
C VAL C 7 2.80 -18.71 15.30
N GLY C 8 3.66 -18.57 14.32
CA GLY C 8 3.24 -18.22 12.96
C GLY C 8 2.80 -16.75 12.81
N ASN C 9 1.82 -16.55 11.93
CA ASN C 9 1.49 -15.18 11.46
C ASN C 9 -0.04 -14.97 11.18
N LEU C 10 -0.50 -13.73 11.37
CA LEU C 10 -1.92 -13.35 11.11
C LEU C 10 -2.40 -13.61 9.67
N ARG C 11 -1.48 -13.74 8.74
CA ARG C 11 -1.89 -14.11 7.39
C ARG C 11 -2.66 -15.45 7.37
N ASP C 12 -2.49 -16.29 8.41
CA ASP C 12 -3.24 -17.52 8.52
C ASP C 12 -4.38 -17.47 9.55
N LEU C 13 -4.74 -16.25 9.95
CA LEU C 13 -5.75 -16.10 11.00
C LEU C 13 -7.05 -16.77 10.55
N ASN C 14 -7.68 -17.54 11.42
CA ASN C 14 -9.12 -17.82 11.23
C ASN C 14 -9.84 -16.85 12.14
N PRO C 15 -10.38 -15.75 11.54
CA PRO C 15 -10.84 -14.59 12.29
C PRO C 15 -12.04 -14.84 13.17
N LEU C 16 -12.92 -15.74 12.77
CA LEU C 16 -14.01 -16.14 13.68
C LEU C 16 -13.54 -16.87 14.95
N ASP C 17 -12.32 -17.42 14.94
CA ASP C 17 -11.93 -18.31 16.05
C ASP C 17 -11.05 -17.62 17.12
N PHE C 18 -10.53 -16.45 16.77
CA PHE C 18 -9.56 -15.78 17.64
C PHE C 18 -9.75 -14.31 17.44
N SER C 19 -10.01 -13.55 18.55
CA SER C 19 -9.85 -12.08 18.61
C SER C 19 -8.38 -11.61 18.61
N VAL C 20 -8.15 -10.40 18.13
CA VAL C 20 -6.78 -10.01 17.88
C VAL C 20 -6.48 -8.77 18.68
N ASP C 21 -5.38 -8.81 19.43
CA ASP C 21 -4.79 -7.62 20.11
C ASP C 21 -3.39 -7.47 19.54
N TYR C 22 -2.88 -6.25 19.49
CA TYR C 22 -1.56 -6.00 18.93
C TYR C 22 -0.56 -5.52 20.01
N VAL C 23 0.70 -5.86 19.82
CA VAL C 23 1.82 -5.16 20.43
C VAL C 23 2.40 -4.28 19.31
N ASP C 24 2.46 -2.99 19.58
CA ASP C 24 2.83 -1.95 18.61
C ASP C 24 4.27 -1.70 18.92
N LEU C 25 5.14 -2.12 18.01
CA LEU C 25 6.56 -2.00 18.19
C LEU C 25 7.09 -0.95 17.23
N GLU C 26 8.06 -0.14 17.68
CA GLU C 26 8.82 0.71 16.73
C GLU C 26 9.75 -0.14 15.88
N TRP C 27 10.06 0.34 14.69
CA TRP C 27 10.88 -0.41 13.75
C TRP C 27 12.21 -0.84 14.39
N PHE C 28 12.78 0.02 15.28
CA PHE C 28 14.13 -0.25 15.80
C PHE C 28 14.05 -1.17 17.03
N GLU C 29 12.88 -1.71 17.32
CA GLU C 29 12.67 -2.51 18.54
C GLU C 29 12.44 -3.96 18.13
N THR C 30 12.47 -4.25 16.84
CA THR C 30 12.03 -5.55 16.39
C THR C 30 13.02 -6.70 16.70
N ARG C 31 14.26 -6.37 17.06
CA ARG C 31 15.25 -7.39 17.39
C ARG C 31 15.34 -7.67 18.90
N LYS C 32 14.50 -7.02 19.67
CA LYS C 32 14.43 -7.39 21.09
C LYS C 32 14.04 -8.85 21.24
N LYS C 33 14.73 -9.53 22.18
CA LYS C 33 14.49 -10.91 22.56
C LYS C 33 13.94 -10.99 23.98
N ILE C 34 14.42 -10.09 24.83
CA ILE C 34 14.07 -10.07 26.27
C ILE C 34 13.47 -8.69 26.58
N ALA C 35 12.20 -8.65 26.95
CA ALA C 35 11.51 -7.36 27.07
C ALA C 35 10.17 -7.60 27.74
N ARG C 36 9.69 -6.54 28.40
CA ARG C 36 8.27 -6.40 28.75
C ARG C 36 7.49 -5.42 27.78
N PHE C 37 6.26 -5.78 27.42
CA PHE C 37 5.41 -4.96 26.54
C PHE C 37 4.01 -4.81 27.13
N LYS C 38 3.32 -3.75 26.71
CA LYS C 38 1.91 -3.58 26.99
C LYS C 38 1.26 -3.65 25.58
N THR C 39 0.22 -4.47 25.45
CA THR C 39 -0.51 -4.58 24.15
C THR C 39 -1.32 -3.33 23.95
N ARG C 40 -1.90 -3.20 22.78
CA ARG C 40 -2.68 -2.02 22.48
C ARG C 40 -3.91 -1.95 23.40
N GLN C 41 -4.45 -3.11 23.82
CA GLN C 41 -5.58 -3.11 24.79
C GLN C 41 -5.14 -3.06 26.27
N GLY C 42 -3.82 -2.94 26.47
CA GLY C 42 -3.23 -2.75 27.80
C GLY C 42 -2.86 -4.04 28.53
N LYS C 43 -2.74 -5.17 27.84
CA LYS C 43 -2.34 -6.41 28.53
C LYS C 43 -0.85 -6.36 28.68
N ASP C 44 -0.40 -6.87 29.81
CA ASP C 44 1.02 -6.92 30.14
C ASP C 44 1.59 -8.23 29.68
N ILE C 45 2.60 -8.19 28.82
CA ILE C 45 3.26 -9.44 28.40
C ILE C 45 4.76 -9.28 28.46
N ALA C 46 5.43 -10.42 28.61
CA ALA C 46 6.89 -10.44 28.69
C ALA C 46 7.37 -11.46 27.66
N ILE C 47 8.47 -11.16 26.98
CA ILE C 47 9.08 -12.14 26.02
C ILE C 47 10.47 -12.49 26.51
N ARG C 48 10.91 -13.73 26.22
CA ARG C 48 12.31 -14.16 26.39
C ARG C 48 12.48 -15.15 25.28
N LEU C 49 12.55 -14.65 24.04
CA LEU C 49 12.54 -15.44 22.84
C LEU C 49 13.71 -16.41 22.67
N LYS C 50 13.43 -17.62 22.23
CA LYS C 50 14.51 -18.56 22.08
C LYS C 50 15.09 -18.59 20.69
N ASP C 51 14.30 -18.80 19.68
CA ASP C 51 15.06 -18.75 18.41
C ASP C 51 14.46 -17.71 17.55
N ALA C 52 14.71 -16.46 17.94
CA ALA C 52 14.04 -15.34 17.34
C ALA C 52 14.61 -15.19 15.95
N PRO C 53 13.77 -14.83 14.96
CA PRO C 53 14.26 -14.59 13.57
C PRO C 53 15.42 -13.60 13.64
N LYS C 54 16.59 -13.95 13.09
CA LYS C 54 17.76 -13.04 13.08
C LYS C 54 17.37 -11.61 12.61
N LEU C 55 16.56 -11.49 11.55
CA LEU C 55 16.14 -10.16 11.09
C LEU C 55 15.20 -9.41 12.05
N GLY C 56 14.67 -10.08 13.08
CA GLY C 56 13.64 -9.41 13.87
C GLY C 56 12.21 -9.81 13.60
N LEU C 57 11.32 -9.35 14.48
CA LEU C 57 9.92 -9.66 14.43
C LEU C 57 9.34 -8.93 13.28
N SER C 58 8.44 -9.58 12.56
CA SER C 58 7.82 -8.99 11.35
C SER C 58 6.33 -8.68 11.60
N GLN C 59 5.78 -7.86 10.70
CA GLN C 59 4.34 -7.50 10.66
C GLN C 59 3.49 -8.76 10.72
N GLY C 60 2.56 -8.79 11.67
CA GLY C 60 1.64 -9.90 11.86
C GLY C 60 2.18 -11.10 12.65
N ASP C 61 3.45 -11.08 13.07
CA ASP C 61 3.99 -12.27 13.79
C ASP C 61 3.20 -12.51 15.08
N ILE C 62 2.85 -13.76 15.38
CA ILE C 62 1.99 -14.05 16.51
C ILE C 62 2.85 -14.41 17.69
N LEU C 63 2.70 -13.64 18.75
CA LEU C 63 3.41 -13.88 19.96
C LEU C 63 2.63 -14.79 20.89
N PHE C 64 1.31 -14.75 20.82
CA PHE C 64 0.51 -15.47 21.80
C PHE C 64 -0.71 -15.95 21.10
N LYS C 65 -1.03 -17.22 21.29
CA LYS C 65 -2.27 -17.79 20.77
C LYS C 65 -2.77 -18.87 21.72
N GLU C 66 -3.89 -18.58 22.39
CA GLU C 66 -4.45 -19.43 23.41
C GLU C 66 -5.90 -19.05 23.55
N GLU C 67 -6.67 -20.09 23.84
CA GLU C 67 -8.09 -20.10 24.06
C GLU C 67 -8.65 -19.56 22.78
N LYS C 68 -9.07 -18.31 22.81
CA LYS C 68 -9.55 -17.69 21.58
C LYS C 68 -8.96 -16.27 21.47
N GLU C 69 -7.75 -16.08 21.99
CA GLU C 69 -7.02 -14.80 21.85
C GLU C 69 -5.71 -14.94 21.11
N ILE C 70 -5.43 -13.95 20.26
CA ILE C 70 -4.14 -13.84 19.61
C ILE C 70 -3.52 -12.47 19.91
N ILE C 71 -2.23 -12.43 20.14
CA ILE C 71 -1.54 -11.17 20.27
C ILE C 71 -0.50 -11.19 19.18
N ALA C 72 -0.57 -10.21 18.30
CA ALA C 72 0.25 -10.20 17.11
C ALA C 72 1.06 -8.91 17.05
N VAL C 73 2.12 -8.91 16.24
CA VAL C 73 3.02 -7.73 16.21
C VAL C 73 2.48 -6.69 15.18
N ASN C 74 2.41 -5.41 15.56
CA ASN C 74 2.22 -4.38 14.54
C ASN C 74 3.44 -3.45 14.58
N ILE C 75 4.12 -3.28 13.45
CA ILE C 75 5.23 -2.36 13.41
C ILE C 75 4.71 -0.96 13.11
N LEU C 76 4.96 -0.03 14.03
CA LEU C 76 4.40 1.33 13.84
C LEU C 76 4.92 2.04 12.59
N ASP C 77 4.01 2.63 11.79
CA ASP C 77 4.53 3.47 10.71
C ASP C 77 5.45 4.51 11.31
N SER C 78 6.54 4.80 10.61
CA SER C 78 7.39 5.87 10.98
C SER C 78 7.74 6.75 9.78
N GLU C 79 8.58 7.73 10.05
CA GLU C 79 8.99 8.68 9.03
C GLU C 79 10.15 8.07 8.24
N VAL C 80 9.89 7.87 6.95
CA VAL C 80 10.70 7.02 6.09
C VAL C 80 11.10 7.79 4.84
N ILE C 81 12.37 7.75 4.47
CA ILE C 81 12.79 8.15 3.10
C ILE C 81 12.62 7.00 2.12
N HIS C 82 11.71 7.21 1.16
CA HIS C 82 11.41 6.22 0.17
CA HIS C 82 11.38 6.26 0.10
C HIS C 82 12.24 6.66 -1.06
N ILE C 83 13.02 5.73 -1.59
CA ILE C 83 14.05 6.09 -2.60
C ILE C 83 13.66 5.27 -3.85
N GLN C 84 13.71 5.88 -5.01
CA GLN C 84 13.53 5.08 -6.23
C GLN C 84 14.71 5.35 -7.16
N ALA C 85 15.51 4.32 -7.35
CA ALA C 85 16.62 4.36 -8.32
C ALA C 85 16.12 4.28 -9.73
N LYS C 86 16.75 4.98 -10.67
CA LYS C 86 16.28 4.86 -11.99
C LYS C 86 17.08 3.87 -12.88
N SER C 87 18.17 3.27 -12.39
CA SER C 87 19.08 2.40 -13.15
C SER C 87 19.83 1.50 -12.14
N VAL C 88 20.47 0.43 -12.62
CA VAL C 88 21.24 -0.45 -11.73
C VAL C 88 22.41 0.34 -11.17
N ALA C 89 23.03 1.13 -12.03
CA ALA C 89 24.08 2.07 -11.56
C ALA C 89 23.65 2.95 -10.35
N GLU C 90 22.43 3.53 -10.37
CA GLU C 90 21.97 4.31 -9.22
C GLU C 90 21.71 3.46 -8.01
N VAL C 91 21.19 2.25 -8.20
CA VAL C 91 21.07 1.37 -7.05
C VAL C 91 22.40 1.20 -6.33
N ALA C 92 23.42 0.92 -7.15
CA ALA C 92 24.75 0.68 -6.61
C ALA C 92 25.21 1.86 -5.80
N LYS C 93 25.08 3.04 -6.39
CA LYS C 93 25.58 4.28 -5.80
C LYS C 93 24.85 4.62 -4.49
N ILE C 94 23.54 4.56 -4.56
CA ILE C 94 22.68 4.76 -3.40
C ILE C 94 23.05 3.81 -2.26
N CYS C 95 23.12 2.51 -2.53
CA CYS C 95 23.37 1.55 -1.45
C CYS C 95 24.78 1.67 -0.86
N TYR C 96 25.77 1.97 -1.75
CA TYR C 96 27.11 2.15 -1.33
C TYR C 96 27.24 3.40 -0.42
N GLU C 97 26.72 4.56 -0.84
CA GLU C 97 26.83 5.75 0.01
C GLU C 97 26.04 5.57 1.32
N ILE C 98 24.93 4.87 1.28
CA ILE C 98 24.18 4.68 2.54
C ILE C 98 24.90 3.74 3.50
N GLY C 99 25.51 2.71 2.87
CA GLY C 99 26.37 1.76 3.55
C GLY C 99 27.57 2.46 4.16
N ASN C 100 28.16 3.41 3.44
CA ASN C 100 29.21 4.23 4.04
C ASN C 100 28.83 5.03 5.29
N ARG C 101 27.60 5.49 5.32
CA ARG C 101 27.07 6.18 6.49
C ARG C 101 26.63 5.21 7.58
N HIS C 102 26.64 3.92 7.31
CA HIS C 102 26.11 2.90 8.23
C HIS C 102 24.65 3.07 8.59
N ALA C 103 23.85 3.67 7.70
CA ALA C 103 22.45 3.89 8.03
C ALA C 103 21.64 2.62 7.69
N ALA C 104 20.49 2.38 8.34
CA ALA C 104 19.64 1.24 8.03
C ALA C 104 19.07 1.33 6.62
N LEU C 105 18.88 0.19 5.97
CA LEU C 105 18.39 0.22 4.61
C LEU C 105 17.55 -1.03 4.40
N TYR C 106 16.44 -0.88 3.70
CA TYR C 106 15.43 -1.92 3.57
C TYR C 106 15.03 -1.97 2.12
N TYR C 107 14.86 -3.17 1.58
CA TYR C 107 14.27 -3.36 0.28
C TYR C 107 12.83 -2.85 0.18
N GLY C 108 12.49 -2.34 -0.99
CA GLY C 108 11.19 -1.77 -1.16
C GLY C 108 10.32 -2.75 -1.94
N GLU C 109 9.17 -2.23 -2.32
CA GLU C 109 8.13 -2.96 -2.99
C GLU C 109 8.56 -3.50 -4.39
N SER C 110 9.62 -2.96 -4.95
CA SER C 110 10.07 -3.48 -6.23
C SER C 110 11.57 -3.35 -6.22
N GLN C 111 12.24 -3.95 -7.21
CA GLN C 111 13.74 -4.07 -7.30
C GLN C 111 14.54 -2.77 -7.24
N PHE C 112 13.89 -1.66 -7.64
CA PHE C 112 14.57 -0.34 -7.74
C PHE C 112 14.16 0.61 -6.57
N GLU C 113 13.24 0.15 -5.75
CA GLU C 113 12.75 0.96 -4.61
C GLU C 113 13.46 0.55 -3.33
N PHE C 114 13.73 1.53 -2.49
CA PHE C 114 14.34 1.30 -1.19
C PHE C 114 13.79 2.24 -0.15
N LYS C 115 13.93 1.79 1.13
CA LYS C 115 13.48 2.57 2.28
C LYS C 115 14.58 2.76 3.32
N THR C 116 14.64 3.96 3.93
CA THR C 116 15.61 4.18 4.99
C THR C 116 14.92 5.10 6.03
N PRO C 117 15.17 4.91 7.33
CA PRO C 117 14.48 5.81 8.29
C PRO C 117 14.89 7.28 8.06
N PHE C 118 14.04 8.22 8.40
CA PHE C 118 14.37 9.59 8.09
C PHE C 118 15.53 10.03 8.98
N GLU C 119 16.56 10.53 8.31
CA GLU C 119 17.62 11.36 8.96
C GLU C 119 18.02 12.46 8.03
N LYS C 120 18.28 13.62 8.60
CA LYS C 120 18.68 14.75 7.78
C LYS C 120 19.89 14.48 6.88
N PRO C 121 20.98 13.92 7.44
CA PRO C 121 22.14 13.71 6.57
C PRO C 121 21.84 12.73 5.46
N THR C 122 20.91 11.78 5.70
CA THR C 122 20.55 10.83 4.67
C THR C 122 19.81 11.52 3.52
N LEU C 123 18.89 12.39 3.86
CA LEU C 123 18.18 13.17 2.87
C LEU C 123 19.15 14.09 2.13
N ALA C 124 20.11 14.67 2.84
CA ALA C 124 21.03 15.61 2.16
C ALA C 124 21.88 14.85 1.16
N LEU C 125 22.35 13.68 1.58
CA LEU C 125 23.10 12.81 0.72
C LEU C 125 22.32 12.44 -0.56
N LEU C 126 21.05 12.12 -0.43
CA LEU C 126 20.24 11.72 -1.60
C LEU C 126 19.97 12.88 -2.52
N GLU C 127 19.65 14.04 -1.96
CA GLU C 127 19.59 15.25 -2.82
C GLU C 127 20.87 15.54 -3.62
N LYS C 128 22.02 15.47 -2.95
CA LYS C 128 23.34 15.66 -3.55
C LYS C 128 23.52 14.66 -4.66
N LEU C 129 23.02 13.46 -4.45
CA LEU C 129 23.08 12.45 -5.46
C LEU C 129 22.14 12.65 -6.64
N GLY C 130 21.20 13.58 -6.50
CA GLY C 130 20.18 13.80 -7.52
C GLY C 130 19.22 12.64 -7.61
N VAL C 131 19.13 11.85 -6.54
CA VAL C 131 18.26 10.69 -6.55
C VAL C 131 16.77 11.01 -6.19
N GLN C 132 15.87 10.32 -6.86
CA GLN C 132 14.48 10.51 -6.61
C GLN C 132 14.08 10.01 -5.20
N ASN C 133 13.50 10.87 -4.41
CA ASN C 133 13.06 10.37 -3.11
C ASN C 133 11.90 11.18 -2.58
N ARG C 134 11.22 10.65 -1.56
CA ARG C 134 10.02 11.23 -0.98
C ARG C 134 10.03 10.75 0.47
N VAL C 135 9.73 11.65 1.40
CA VAL C 135 9.59 11.25 2.81
C VAL C 135 8.09 11.04 3.10
N LEU C 136 7.73 9.92 3.70
CA LEU C 136 6.33 9.61 4.00
C LEU C 136 6.27 8.70 5.24
N SER C 137 5.07 8.36 5.68
CA SER C 137 4.86 7.46 6.74
C SER C 137 4.78 6.05 6.21
N SER C 138 5.59 5.13 6.74
CA SER C 138 5.62 3.83 6.12
C SER C 138 6.14 2.86 7.14
N LYS C 139 5.94 1.55 6.91
CA LYS C 139 6.41 0.56 7.91
C LYS C 139 7.81 0.10 7.50
N LEU C 140 8.77 0.04 8.41
CA LEU C 140 10.05 -0.59 7.99
C LEU C 140 10.07 -1.99 8.53
N ASP C 141 9.68 -2.92 7.68
CA ASP C 141 9.44 -4.28 8.11
C ASP C 141 10.74 -5.08 8.27
N SER C 142 10.98 -5.73 9.42
CA SER C 142 12.21 -6.47 9.62
C SER C 142 12.62 -7.39 8.46
N LYS C 143 11.66 -8.05 7.79
CA LYS C 143 12.09 -9.04 6.78
C LYS C 143 12.76 -8.39 5.56
N GLU C 144 12.54 -7.08 5.40
CA GLU C 144 13.02 -6.35 4.21
C GLU C 144 14.37 -5.68 4.48
N ARG C 145 14.90 -5.85 5.69
CA ARG C 145 16.11 -5.13 6.05
C ARG C 145 17.34 -5.72 5.40
N LEU C 146 18.23 -4.86 4.92
CA LEU C 146 19.53 -5.30 4.48
C LEU C 146 20.47 -5.52 5.64
N THR C 147 21.28 -6.54 5.50
CA THR C 147 22.18 -7.01 6.55
C THR C 147 23.59 -6.38 6.44
N VAL C 148 24.19 -6.04 7.59
CA VAL C 148 25.61 -5.67 7.71
C VAL C 148 26.50 -6.89 7.49
N MET D 1 58.94 20.58 -15.76
CA MET D 1 57.84 21.55 -15.74
C MET D 1 56.67 21.13 -14.85
N ILE D 2 55.96 22.09 -14.26
CA ILE D 2 54.89 21.78 -13.29
C ILE D 2 53.62 22.33 -13.89
N ILE D 3 52.66 21.44 -14.09
CA ILE D 3 51.35 21.78 -14.67
C ILE D 3 50.40 22.17 -13.55
N GLU D 4 49.63 23.24 -13.78
CA GLU D 4 48.77 23.79 -12.78
C GLU D 4 47.31 23.60 -13.08
N ARG D 5 46.97 23.45 -14.37
CA ARG D 5 45.56 23.25 -14.78
C ARG D 5 45.42 22.13 -15.80
N LEU D 6 44.45 21.24 -15.59
CA LEU D 6 44.10 20.22 -16.58
C LEU D 6 43.47 20.86 -17.81
N VAL D 7 43.74 20.28 -18.98
CA VAL D 7 43.30 20.79 -20.30
C VAL D 7 42.29 19.85 -20.98
N GLY D 8 41.36 19.34 -20.20
CA GLY D 8 40.34 18.39 -20.69
C GLY D 8 40.76 16.91 -20.80
N ASN D 9 40.22 16.23 -21.80
CA ASN D 9 40.38 14.80 -21.90
C ASN D 9 40.53 14.40 -23.34
N LEU D 10 41.20 13.28 -23.60
CA LEU D 10 41.41 12.88 -24.98
C LEU D 10 40.10 12.65 -25.71
N ARG D 11 39.09 12.17 -25.00
CA ARG D 11 37.79 12.03 -25.65
C ARG D 11 37.22 13.37 -26.18
N ASP D 12 37.87 14.50 -25.86
CA ASP D 12 37.39 15.84 -26.32
C ASP D 12 37.90 16.19 -27.73
N LEU D 13 38.84 15.40 -28.26
CA LEU D 13 39.51 15.72 -29.53
C LEU D 13 39.79 14.45 -30.30
N ASN D 14 40.54 14.58 -31.38
CA ASN D 14 40.99 13.42 -32.12
C ASN D 14 42.47 13.13 -31.82
N PRO D 15 42.75 12.06 -31.04
CA PRO D 15 44.11 11.69 -30.58
C PRO D 15 45.09 11.34 -31.73
N LEU D 16 44.53 10.71 -32.76
CA LEU D 16 45.21 10.30 -33.97
C LEU D 16 45.87 11.53 -34.65
N ASP D 17 45.30 12.69 -34.37
CA ASP D 17 45.74 14.00 -34.83
C ASP D 17 46.92 14.61 -34.04
N PHE D 18 47.22 14.10 -32.83
CA PHE D 18 48.36 14.56 -31.98
C PHE D 18 49.42 13.46 -31.69
N SER D 19 50.55 13.85 -31.07
CA SER D 19 51.49 12.89 -30.47
C SER D 19 51.19 12.79 -28.98
N VAL D 20 50.60 11.70 -28.52
CA VAL D 20 50.17 11.56 -27.11
C VAL D 20 51.32 10.87 -26.32
N ASP D 21 51.90 11.59 -25.38
CA ASP D 21 52.85 11.01 -24.45
C ASP D 21 52.01 10.75 -23.15
N TYR D 22 51.94 9.52 -22.69
CA TYR D 22 51.18 9.19 -21.46
C TYR D 22 52.06 9.23 -20.25
N VAL D 23 51.52 9.67 -19.14
CA VAL D 23 52.19 9.59 -17.88
C VAL D 23 51.40 8.53 -17.10
N ASP D 24 52.10 7.58 -16.52
CA ASP D 24 51.49 6.41 -15.85
C ASP D 24 51.26 6.65 -14.38
N LEU D 25 50.00 6.46 -13.94
CA LEU D 25 49.63 6.61 -12.53
C LEU D 25 49.07 5.31 -12.07
N GLU D 26 49.32 4.98 -10.82
CA GLU D 26 48.58 3.93 -10.19
C GLU D 26 47.19 4.45 -9.81
N TRP D 27 46.20 3.57 -9.78
CA TRP D 27 44.84 3.99 -9.46
C TRP D 27 44.76 4.76 -8.15
N PHE D 28 45.60 4.37 -7.17
CA PHE D 28 45.58 5.03 -5.89
C PHE D 28 46.36 6.34 -5.84
N GLU D 29 46.96 6.74 -6.98
CA GLU D 29 47.58 8.07 -7.11
C GLU D 29 46.68 9.16 -7.74
N THR D 30 45.51 8.79 -8.23
CA THR D 30 44.77 9.68 -9.13
C THR D 30 44.11 10.85 -8.37
N ARG D 31 44.07 10.80 -7.04
CA ARG D 31 43.51 11.92 -6.30
C ARG D 31 44.61 12.81 -5.75
N LYS D 32 45.84 12.58 -6.17
CA LYS D 32 46.91 13.46 -5.71
C LYS D 32 46.86 14.76 -6.51
N LYS D 33 47.15 15.87 -5.84
CA LYS D 33 47.13 17.18 -6.47
C LYS D 33 48.56 17.62 -6.76
N ILE D 34 49.53 17.07 -6.04
CA ILE D 34 50.96 17.45 -6.10
C ILE D 34 51.66 16.11 -6.23
N ALA D 35 52.46 15.97 -7.28
CA ALA D 35 53.21 14.73 -7.54
C ALA D 35 54.12 15.01 -8.76
N ARG D 36 55.15 14.18 -8.90
CA ARG D 36 56.07 14.28 -9.99
C ARG D 36 56.16 12.93 -10.65
N PHE D 37 56.27 12.94 -11.98
CA PHE D 37 56.25 11.71 -12.82
C PHE D 37 57.33 11.78 -13.91
N LYS D 38 57.76 10.62 -14.44
CA LYS D 38 58.53 10.59 -15.69
C LYS D 38 57.55 10.02 -16.75
N THR D 39 57.35 10.71 -17.86
CA THR D 39 56.38 10.23 -18.89
C THR D 39 56.94 9.07 -19.66
N ARG D 40 56.10 8.37 -20.41
CA ARG D 40 56.59 7.33 -21.35
C ARG D 40 57.72 7.79 -22.28
N GLN D 41 57.62 9.00 -22.79
CA GLN D 41 58.66 9.47 -23.70
C GLN D 41 59.85 9.99 -22.90
N GLY D 42 59.80 9.93 -21.56
CA GLY D 42 60.99 10.32 -20.78
C GLY D 42 61.09 11.76 -20.25
N LYS D 43 60.05 12.59 -20.37
CA LYS D 43 60.09 14.00 -19.90
C LYS D 43 59.77 14.02 -18.42
N ASP D 44 60.22 15.05 -17.73
CA ASP D 44 59.85 15.23 -16.36
C ASP D 44 58.62 16.14 -16.29
N ILE D 45 57.53 15.61 -15.76
CA ILE D 45 56.33 16.40 -15.55
C ILE D 45 55.84 16.29 -14.11
N ALA D 46 55.59 17.45 -13.49
CA ALA D 46 54.89 17.46 -12.18
C ALA D 46 53.53 18.19 -12.27
N ILE D 47 52.66 17.88 -11.32
CA ILE D 47 51.40 18.57 -11.22
C ILE D 47 51.32 19.32 -9.90
N ARG D 48 50.69 20.50 -9.93
CA ARG D 48 50.36 21.25 -8.73
C ARG D 48 48.97 21.81 -9.00
N LEU D 49 47.94 20.98 -8.83
CA LEU D 49 46.61 21.29 -9.40
C LEU D 49 45.84 22.15 -8.46
N LYS D 50 45.28 23.24 -8.97
CA LYS D 50 44.52 24.17 -8.13
C LYS D 50 43.05 23.76 -7.98
N ASP D 51 42.53 22.95 -8.90
CA ASP D 51 41.11 22.58 -8.96
C ASP D 51 40.94 21.23 -9.68
N ALA D 52 41.68 20.25 -9.18
CA ALA D 52 41.66 18.86 -9.63
C ALA D 52 40.28 18.17 -9.63
N PRO D 53 40.03 17.23 -10.58
CA PRO D 53 38.65 16.71 -10.67
C PRO D 53 38.26 15.87 -9.43
N LYS D 54 37.00 16.01 -9.01
CA LYS D 54 36.54 15.37 -7.79
C LYS D 54 36.71 13.85 -7.81
N LEU D 55 36.49 13.23 -8.96
CA LEU D 55 36.66 11.77 -9.07
C LEU D 55 38.11 11.34 -8.97
N GLY D 56 39.04 12.25 -9.30
CA GLY D 56 40.44 11.88 -9.49
C GLY D 56 40.75 12.01 -10.97
N LEU D 57 42.03 11.97 -11.33
CA LEU D 57 42.42 12.04 -12.73
C LEU D 57 41.98 10.78 -13.43
N SER D 58 41.47 10.89 -14.64
CA SER D 58 40.95 9.74 -15.36
C SER D 58 41.85 9.42 -16.49
N GLN D 59 41.64 8.23 -17.06
CA GLN D 59 42.26 7.82 -18.32
C GLN D 59 42.00 8.89 -19.42
N GLY D 60 43.09 9.38 -19.97
CA GLY D 60 42.99 10.32 -21.10
C GLY D 60 42.92 11.77 -20.68
N ASP D 61 42.90 12.04 -19.38
CA ASP D 61 42.89 13.45 -18.92
C ASP D 61 44.23 14.05 -19.36
N ILE D 62 44.17 15.26 -19.87
CA ILE D 62 45.30 15.92 -20.53
C ILE D 62 45.94 16.92 -19.57
N LEU D 63 47.20 16.71 -19.22
CA LEU D 63 47.95 17.63 -18.36
C LEU D 63 48.55 18.81 -19.10
N PHE D 64 48.85 18.59 -20.39
CA PHE D 64 49.60 19.52 -21.18
C PHE D 64 49.20 19.31 -22.65
N LYS D 65 48.99 20.40 -23.36
CA LYS D 65 48.57 20.38 -24.76
C LYS D 65 49.09 21.66 -25.37
N GLU D 66 50.09 21.54 -26.21
CA GLU D 66 50.56 22.71 -26.87
C GLU D 66 51.01 22.29 -28.24
N GLU D 67 50.50 22.99 -29.25
CA GLU D 67 50.64 22.59 -30.65
C GLU D 67 50.12 21.13 -30.92
N LYS D 68 50.99 20.26 -31.43
CA LYS D 68 50.64 18.87 -31.77
C LYS D 68 51.05 17.89 -30.69
N GLU D 69 51.40 18.37 -29.50
CA GLU D 69 51.87 17.49 -28.45
C GLU D 69 51.02 17.57 -27.23
N ILE D 70 50.72 16.40 -26.69
CA ILE D 70 49.84 16.17 -25.55
C ILE D 70 50.53 15.25 -24.51
N ILE D 71 50.35 15.60 -23.23
CA ILE D 71 50.66 14.68 -22.18
C ILE D 71 49.37 14.30 -21.48
N ALA D 72 49.02 13.01 -21.59
CA ALA D 72 47.76 12.53 -21.00
C ALA D 72 47.97 11.49 -19.92
N VAL D 73 46.98 11.32 -19.06
CA VAL D 73 47.04 10.30 -18.00
C VAL D 73 46.69 8.90 -18.51
N ASN D 74 47.58 7.93 -18.20
CA ASN D 74 47.30 6.51 -18.27
C ASN D 74 47.17 5.97 -16.84
N ILE D 75 46.12 5.22 -16.59
CA ILE D 75 45.98 4.50 -15.35
C ILE D 75 46.44 3.04 -15.49
N LEU D 76 47.44 2.67 -14.70
CA LEU D 76 48.04 1.35 -14.83
C LEU D 76 47.09 0.24 -14.42
N ASP D 77 47.18 -0.89 -15.12
CA ASP D 77 46.44 -2.07 -14.68
C ASP D 77 46.89 -2.47 -13.29
N SER D 78 45.96 -2.96 -12.46
CA SER D 78 46.37 -3.62 -11.23
C SER D 78 45.48 -4.85 -11.00
N GLU D 79 45.68 -5.52 -9.86
CA GLU D 79 44.90 -6.72 -9.49
C GLU D 79 43.53 -6.38 -8.89
N VAL D 80 42.50 -6.74 -9.64
CA VAL D 80 41.15 -6.21 -9.44
C VAL D 80 40.23 -7.38 -9.22
N ILE D 81 39.39 -7.31 -8.19
CA ILE D 81 38.33 -8.30 -8.04
C ILE D 81 37.15 -7.85 -8.90
N HIS D 82 36.77 -8.65 -9.90
CA HIS D 82 35.57 -8.36 -10.70
C HIS D 82 34.45 -9.09 -10.08
N ILE D 83 33.42 -8.35 -9.72
CA ILE D 83 32.24 -8.88 -9.09
C ILE D 83 31.19 -8.93 -10.20
N GLN D 84 30.58 -10.12 -10.32
CA GLN D 84 29.44 -10.31 -11.19
C GLN D 84 28.17 -10.54 -10.30
N ALA D 85 27.41 -9.47 -10.12
CA ALA D 85 26.13 -9.54 -9.39
C ALA D 85 25.08 -10.34 -10.18
N LYS D 86 24.30 -11.17 -9.50
CA LYS D 86 23.30 -12.01 -10.17
C LYS D 86 21.89 -11.38 -10.24
N SER D 87 21.68 -10.27 -9.55
CA SER D 87 20.31 -9.69 -9.43
C SER D 87 20.45 -8.30 -8.97
N VAL D 88 19.40 -7.51 -9.12
CA VAL D 88 19.43 -6.14 -8.65
C VAL D 88 19.56 -6.18 -7.08
N ALA D 89 18.83 -7.10 -6.41
CA ALA D 89 18.95 -7.22 -4.95
C ALA D 89 20.38 -7.56 -4.48
N GLU D 90 21.06 -8.47 -5.17
CA GLU D 90 22.49 -8.67 -4.92
C GLU D 90 23.34 -7.38 -5.17
N VAL D 91 23.06 -6.61 -6.24
CA VAL D 91 23.75 -5.32 -6.40
C VAL D 91 23.61 -4.47 -5.11
N ALA D 92 22.38 -4.38 -4.61
CA ALA D 92 22.12 -3.54 -3.44
C ALA D 92 22.92 -4.03 -2.24
N LYS D 93 22.90 -5.34 -2.05
CA LYS D 93 23.52 -6.02 -0.93
C LYS D 93 25.06 -5.89 -0.94
N ILE D 94 25.62 -6.13 -2.09
CA ILE D 94 27.09 -6.04 -2.27
C ILE D 94 27.61 -4.60 -1.99
N CYS D 95 26.91 -3.62 -2.58
CA CYS D 95 27.37 -2.24 -2.58
C CYS D 95 27.19 -1.73 -1.19
N TYR D 96 26.07 -2.10 -0.58
CA TYR D 96 25.88 -1.79 0.82
C TYR D 96 27.01 -2.27 1.77
N GLU D 97 27.34 -3.54 1.66
CA GLU D 97 28.36 -4.17 2.49
C GLU D 97 29.73 -3.54 2.26
N ILE D 98 30.10 -3.39 0.98
CA ILE D 98 31.34 -2.76 0.62
C ILE D 98 31.42 -1.34 1.12
N GLY D 99 30.31 -0.62 0.95
CA GLY D 99 30.18 0.69 1.60
C GLY D 99 30.40 0.69 3.08
N ASN D 100 29.76 -0.27 3.76
CA ASN D 100 29.93 -0.42 5.21
C ASN D 100 31.40 -0.57 5.59
N ARG D 101 32.17 -1.26 4.77
CA ARG D 101 33.58 -1.45 5.07
C ARG D 101 34.45 -0.28 4.59
N HIS D 102 33.85 0.68 3.88
CA HIS D 102 34.52 1.89 3.33
C HIS D 102 35.58 1.50 2.28
N ALA D 103 35.38 0.38 1.55
CA ALA D 103 36.31 -0.05 0.55
C ALA D 103 35.95 0.62 -0.78
N ALA D 104 36.93 0.75 -1.66
CA ALA D 104 36.78 1.46 -2.91
C ALA D 104 35.95 0.61 -3.88
N LEU D 105 35.14 1.26 -4.70
CA LEU D 105 34.24 0.53 -5.59
C LEU D 105 34.07 1.29 -6.91
N TYR D 106 34.04 0.52 -7.98
CA TYR D 106 34.02 1.06 -9.34
C TYR D 106 32.99 0.31 -10.18
N TYR D 107 32.34 0.99 -11.13
CA TYR D 107 31.51 0.34 -12.18
C TYR D 107 32.35 -0.47 -13.13
N GLY D 108 31.84 -1.62 -13.57
CA GLY D 108 32.54 -2.49 -14.51
C GLY D 108 32.00 -2.23 -15.90
N GLU D 109 32.18 -3.13 -16.84
CA GLU D 109 31.87 -2.77 -18.23
C GLU D 109 30.38 -3.00 -18.61
N SER D 110 29.61 -3.49 -17.65
CA SER D 110 28.22 -3.91 -17.83
C SER D 110 27.46 -3.55 -16.55
N GLN D 111 26.13 -3.58 -16.61
CA GLN D 111 25.24 -3.15 -15.53
C GLN D 111 25.48 -3.94 -14.28
N PHE D 112 25.83 -5.20 -14.41
CA PHE D 112 25.88 -6.02 -13.19
C PHE D 112 27.29 -6.35 -12.71
N GLU D 113 28.28 -5.78 -13.41
CA GLU D 113 29.66 -5.93 -13.00
C GLU D 113 30.20 -4.75 -12.23
N PHE D 114 30.95 -5.06 -11.17
CA PHE D 114 31.67 -4.05 -10.35
C PHE D 114 33.13 -4.50 -10.16
N LYS D 115 33.99 -3.57 -9.75
CA LYS D 115 35.43 -3.79 -9.58
C LYS D 115 35.85 -3.13 -8.26
N THR D 116 36.77 -3.79 -7.57
CA THR D 116 37.27 -3.21 -6.33
C THR D 116 38.72 -3.71 -6.25
N PRO D 117 39.67 -2.86 -5.77
CA PRO D 117 41.06 -3.38 -5.76
C PRO D 117 41.16 -4.67 -4.93
N PHE D 118 42.08 -5.54 -5.32
CA PHE D 118 42.27 -6.75 -4.53
C PHE D 118 42.66 -6.36 -3.09
N GLU D 119 41.84 -6.81 -2.15
CA GLU D 119 42.23 -6.71 -0.74
C GLU D 119 41.76 -8.01 -0.15
N LYS D 120 42.59 -8.62 0.69
CA LYS D 120 42.21 -9.86 1.34
C LYS D 120 40.82 -9.79 2.02
N PRO D 121 40.56 -8.76 2.87
CA PRO D 121 39.28 -8.69 3.57
C PRO D 121 38.07 -8.51 2.64
N THR D 122 38.24 -7.79 1.55
CA THR D 122 37.15 -7.61 0.56
C THR D 122 36.79 -8.94 -0.09
N LEU D 123 37.80 -9.74 -0.41
CA LEU D 123 37.60 -11.06 -0.97
C LEU D 123 36.89 -12.00 0.01
N ALA D 124 37.33 -11.97 1.28
CA ALA D 124 36.70 -12.69 2.39
C ALA D 124 35.21 -12.35 2.48
N LEU D 125 34.92 -11.06 2.42
CA LEU D 125 33.57 -10.56 2.54
C LEU D 125 32.67 -11.09 1.40
N LEU D 126 33.20 -11.08 0.19
CA LEU D 126 32.48 -11.56 -0.98
C LEU D 126 32.19 -13.04 -0.89
N GLU D 127 33.21 -13.81 -0.50
CA GLU D 127 33.05 -15.26 -0.45
C GLU D 127 32.02 -15.63 0.64
N LYS D 128 32.05 -14.89 1.74
CA LYS D 128 31.09 -15.08 2.80
C LYS D 128 29.66 -14.77 2.33
N LEU D 129 29.53 -13.83 1.39
CA LEU D 129 28.23 -13.45 0.83
C LEU D 129 27.77 -14.41 -0.27
N GLY D 130 28.66 -15.26 -0.76
CA GLY D 130 28.39 -16.09 -1.92
C GLY D 130 28.35 -15.36 -3.27
N VAL D 131 29.05 -14.23 -3.36
CA VAL D 131 29.07 -13.39 -4.59
C VAL D 131 30.06 -13.99 -5.61
N GLN D 132 29.61 -14.21 -6.84
CA GLN D 132 30.50 -14.61 -7.92
C GLN D 132 31.57 -13.53 -8.20
N ASN D 133 32.85 -13.91 -8.27
CA ASN D 133 33.94 -12.91 -8.41
C ASN D 133 35.18 -13.60 -8.94
N ARG D 134 36.04 -12.84 -9.60
CA ARG D 134 37.40 -13.33 -9.89
C ARG D 134 38.42 -12.23 -9.92
N VAL D 135 39.68 -12.65 -9.86
CA VAL D 135 40.74 -11.69 -9.84
C VAL D 135 41.32 -11.54 -11.23
N LEU D 136 41.37 -10.31 -11.69
CA LEU D 136 41.99 -10.00 -12.97
C LEU D 136 42.86 -8.75 -12.89
N SER D 137 43.77 -8.61 -13.85
CA SER D 137 44.55 -7.40 -14.08
C SER D 137 43.68 -6.46 -14.93
N SER D 138 43.27 -5.32 -14.38
CA SER D 138 42.38 -4.40 -15.08
C SER D 138 42.63 -2.99 -14.61
N LYS D 139 41.96 -2.05 -15.26
CA LYS D 139 42.06 -0.61 -14.97
C LYS D 139 40.96 -0.19 -13.99
N LEU D 140 41.32 0.47 -12.90
CA LEU D 140 40.36 1.21 -12.09
C LEU D 140 40.33 2.72 -12.43
N ASP D 141 39.61 3.05 -13.48
CA ASP D 141 39.50 4.43 -14.02
C ASP D 141 38.69 5.28 -13.08
N SER D 142 39.19 6.44 -12.68
CA SER D 142 38.49 7.32 -11.74
C SER D 142 37.14 7.71 -12.26
N LYS D 143 37.02 7.77 -13.58
CA LYS D 143 35.72 7.95 -14.27
C LYS D 143 34.64 6.98 -13.78
N GLU D 144 35.03 5.76 -13.40
CA GLU D 144 34.07 4.71 -13.00
C GLU D 144 33.95 4.60 -11.45
N ARG D 145 34.56 5.48 -10.70
CA ARG D 145 34.63 5.27 -9.27
C ARG D 145 33.30 5.71 -8.62
N LEU D 146 32.77 4.97 -7.67
CA LEU D 146 31.57 5.48 -6.95
C LEU D 146 32.07 6.33 -5.77
N THR D 147 31.54 7.52 -5.53
CA THR D 147 32.07 8.35 -4.42
C THR D 147 31.60 7.94 -3.02
N VAL D 148 32.47 8.21 -2.03
CA VAL D 148 32.18 7.91 -0.61
C VAL D 148 31.04 8.79 -0.12
N SER D 149 31.12 10.08 -0.43
CA SER D 149 30.14 11.08 -0.01
C SER D 149 29.57 11.88 -1.22
N MET D 150 29.68 11.30 -2.43
CA MET D 150 29.42 12.00 -3.71
C MET D 150 29.74 13.50 -3.71
S SO4 E . -17.93 17.02 16.44
O1 SO4 E . -18.59 15.74 16.73
O2 SO4 E . -16.71 16.68 15.72
O3 SO4 E . -18.73 17.95 15.63
O4 SO4 E . -17.62 17.72 17.68
CL CL F . 0.66 1.67 12.59
S SO4 G . -50.50 -28.13 -5.89
O1 SO4 G . -51.19 -27.81 -4.63
O2 SO4 G . -51.48 -28.17 -6.98
O3 SO4 G . -49.46 -27.12 -6.14
O4 SO4 G . -49.87 -29.45 -5.74
S SO4 H . 17.89 -8.37 23.79
O1 SO4 H . 16.52 -8.16 24.26
O2 SO4 H . 17.88 -8.28 22.32
O3 SO4 H . 18.74 -7.33 24.37
O4 SO4 H . 18.42 -9.71 24.12
S SO4 I . 49.37 25.09 -16.81
O1 SO4 I . 50.21 24.94 -15.64
O2 SO4 I . 48.05 24.46 -16.63
O3 SO4 I . 49.24 26.51 -17.15
O4 SO4 I . 50.05 24.43 -17.93
#